data_3U35
#
_entry.id   3U35
#
_cell.length_a   120.204
_cell.length_b   122.184
_cell.length_c   57.713
_cell.angle_alpha   90.00
_cell.angle_beta   90.00
_cell.angle_gamma   90.00
#
_symmetry.space_group_name_H-M   'P 21 21 2'
#
loop_
_entity.id
_entity.type
_entity.pdbx_description
1 polymer 'General stress protein'
2 non-polymer 'TRIETHYLENE GLYCOL'
3 water water
#
_entity_poly.entity_id   1
_entity_poly.type   'polypeptide(L)'
_entity_poly.pdbx_seq_one_letter_code
;MVRASSRLAHPRTTRMSGIEMADTKELQEKFWKALKSDRTVMLGLDGVEDGHARPMTAQIEGDSGGPIWFFTSKDNALIA
MLGQGRRVIGAFSSKGHDLFASISGSLREDTDPAMVDRLWNPYVAAWYEGGKTDPNLALLRLDADHAQIWLNESSLLAGI
KVLLGVDPKKDYQDKVADVPLR
;
_entity_poly.pdbx_strand_id   A,B,C,D
#
loop_
_chem_comp.id
_chem_comp.type
_chem_comp.name
_chem_comp.formula
PGE non-polymer 'TRIETHYLENE GLYCOL' 'C6 H14 O4'
#
# COMPACT_ATOMS: atom_id res chain seq x y z
N THR A 24 -13.07 6.04 -21.92
CA THR A 24 -11.61 6.10 -22.08
C THR A 24 -10.99 4.72 -22.07
N LYS A 25 -10.07 4.48 -23.00
CA LYS A 25 -9.39 3.20 -23.07
C LYS A 25 -8.26 3.15 -22.03
N GLU A 26 -7.76 4.32 -21.65
CA GLU A 26 -6.73 4.41 -20.62
C GLU A 26 -7.30 3.95 -19.31
N LEU A 27 -8.51 4.42 -19.00
CA LEU A 27 -9.20 4.04 -17.78
C LEU A 27 -9.36 2.53 -17.65
N GLN A 28 -9.85 1.90 -18.72
CA GLN A 28 -10.01 0.46 -18.74
C GLN A 28 -8.67 -0.24 -18.60
N GLU A 29 -7.70 0.23 -19.38
CA GLU A 29 -6.37 -0.37 -19.36
C GLU A 29 -5.82 -0.34 -17.94
N LYS A 30 -5.93 0.82 -17.29
CA LYS A 30 -5.48 0.95 -15.92
C LYS A 30 -6.25 0.02 -15.01
N PHE A 31 -7.55 -0.05 -15.19
CA PHE A 31 -8.37 -0.91 -14.34
C PHE A 31 -7.95 -2.38 -14.47
N TRP A 32 -7.86 -2.86 -15.71
CA TRP A 32 -7.47 -4.24 -15.93
C TRP A 32 -6.06 -4.55 -15.42
N LYS A 33 -5.17 -3.60 -15.60
CA LYS A 33 -3.79 -3.76 -15.13
C LYS A 33 -3.80 -3.98 -13.63
N ALA A 34 -4.42 -3.05 -12.92
CA ALA A 34 -4.45 -3.10 -11.47
C ALA A 34 -5.13 -4.35 -10.95
N LEU A 35 -6.23 -4.73 -11.59
CA LEU A 35 -6.96 -5.93 -11.18
C LEU A 35 -6.10 -7.17 -11.35
N LYS A 36 -5.39 -7.26 -12.46
CA LYS A 36 -4.56 -8.42 -12.75
C LYS A 36 -3.44 -8.57 -11.71
N SER A 37 -2.76 -7.48 -11.40
CA SER A 37 -1.65 -7.56 -10.46
C SER A 37 -2.06 -7.56 -8.98
N ASP A 38 -3.09 -6.77 -8.63
CA ASP A 38 -3.50 -6.66 -7.24
C ASP A 38 -4.60 -7.66 -6.87
N ARG A 39 -5.42 -8.04 -7.84
CA ARG A 39 -6.33 -9.19 -7.70
C ARG A 39 -7.53 -9.11 -6.74
N THR A 40 -7.32 -8.66 -5.51
CA THR A 40 -8.38 -8.72 -4.50
C THR A 40 -9.62 -7.90 -4.87
N VAL A 41 -10.80 -8.52 -4.77
CA VAL A 41 -12.05 -7.83 -4.98
C VAL A 41 -12.94 -8.18 -3.81
N MET A 42 -13.61 -7.18 -3.25
CA MET A 42 -14.54 -7.44 -2.17
C MET A 42 -15.95 -7.58 -2.75
N LEU A 43 -16.61 -8.66 -2.33
CA LEU A 43 -17.80 -9.13 -3.01
C LEU A 43 -18.86 -9.51 -2.00
N GLY A 44 -20.00 -8.85 -2.07
CA GLY A 44 -21.11 -9.11 -1.17
C GLY A 44 -22.38 -9.40 -1.94
N LEU A 45 -23.33 -10.06 -1.30
CA LEU A 45 -24.60 -10.41 -1.93
C LEU A 45 -25.73 -10.03 -1.01
N ASP A 46 -26.67 -9.22 -1.49
CA ASP A 46 -27.82 -8.84 -0.67
C ASP A 46 -28.60 -10.07 -0.20
N GLY A 47 -28.89 -10.13 1.09
CA GLY A 47 -29.64 -11.25 1.63
C GLY A 47 -28.77 -12.42 2.00
N VAL A 48 -27.46 -12.27 1.82
CA VAL A 48 -26.51 -13.28 2.28
C VAL A 48 -25.56 -12.66 3.29
N GLU A 49 -25.47 -13.26 4.47
CA GLU A 49 -24.55 -12.82 5.53
C GLU A 49 -24.63 -11.31 5.75
N ASP A 50 -25.85 -10.81 5.86
CA ASP A 50 -26.12 -9.40 6.15
C ASP A 50 -25.56 -8.45 5.09
N GLY A 51 -25.17 -9.02 3.95
CA GLY A 51 -24.69 -8.23 2.81
C GLY A 51 -23.20 -8.02 2.81
N HIS A 52 -22.50 -8.65 3.74
CA HIS A 52 -21.07 -8.43 3.90
C HIS A 52 -20.25 -8.74 2.66
N ALA A 53 -19.28 -7.89 2.38
CA ALA A 53 -18.42 -8.04 1.21
C ALA A 53 -17.13 -8.73 1.62
N ARG A 54 -16.84 -9.85 0.96
CA ARG A 54 -15.72 -10.71 1.31
C ARG A 54 -14.59 -10.48 0.34
N PRO A 55 -13.35 -10.41 0.84
CA PRO A 55 -12.20 -10.28 -0.07
C PRO A 55 -11.97 -11.59 -0.79
N MET A 56 -11.97 -11.54 -2.13
CA MET A 56 -11.68 -12.73 -2.93
C MET A 56 -10.66 -12.36 -3.98
N THR A 57 -9.75 -13.28 -4.31
CA THR A 57 -8.70 -12.95 -5.26
C THR A 57 -9.10 -13.30 -6.69
N ALA A 58 -9.03 -12.30 -7.55
CA ALA A 58 -9.53 -12.42 -8.91
C ALA A 58 -8.49 -13.01 -9.85
N GLN A 59 -8.96 -13.73 -10.85
CA GLN A 59 -8.09 -14.21 -11.92
C GLN A 59 -8.73 -13.99 -13.28
N ILE A 60 -7.94 -13.52 -14.23
CA ILE A 60 -8.41 -13.45 -15.61
C ILE A 60 -7.46 -14.17 -16.57
N GLU A 61 -8.04 -14.72 -17.64
CA GLU A 61 -7.26 -15.29 -18.73
C GLU A 61 -6.76 -14.14 -19.59
N GLY A 62 -5.46 -14.11 -19.84
CA GLY A 62 -4.91 -13.00 -20.59
C GLY A 62 -4.74 -11.78 -19.70
N ASP A 63 -4.35 -10.67 -20.30
CA ASP A 63 -3.96 -9.51 -19.53
C ASP A 63 -5.08 -8.49 -19.36
N SER A 64 -6.20 -8.74 -20.02
CA SER A 64 -7.38 -7.87 -19.90
C SER A 64 -8.63 -8.59 -20.40
N GLY A 65 -9.79 -8.02 -20.06
CA GLY A 65 -11.06 -8.59 -20.48
C GLY A 65 -11.56 -9.61 -19.50
N GLY A 66 -12.86 -9.56 -19.23
CA GLY A 66 -13.50 -10.54 -18.38
C GLY A 66 -13.71 -11.81 -19.17
N PRO A 67 -14.34 -12.81 -18.57
CA PRO A 67 -14.87 -12.78 -17.20
C PRO A 67 -13.79 -12.78 -16.14
N ILE A 68 -14.21 -12.56 -14.91
CA ILE A 68 -13.33 -12.55 -13.78
C ILE A 68 -13.63 -13.78 -12.95
N TRP A 69 -12.61 -14.56 -12.66
CA TRP A 69 -12.78 -15.83 -11.98
C TRP A 69 -12.34 -15.80 -10.53
N PHE A 70 -13.04 -16.55 -9.69
CA PHE A 70 -12.63 -16.68 -8.31
C PHE A 70 -12.67 -18.13 -7.91
N PHE A 71 -11.53 -18.67 -7.53
CA PHE A 71 -11.48 -19.99 -6.93
C PHE A 71 -12.07 -19.87 -5.55
N THR A 72 -12.86 -20.84 -5.13
CA THR A 72 -13.46 -20.79 -3.80
C THR A 72 -13.79 -22.18 -3.30
N SER A 73 -14.53 -22.25 -2.20
CA SER A 73 -14.90 -23.52 -1.60
C SER A 73 -16.39 -23.78 -1.82
N LYS A 74 -16.78 -25.03 -2.05
CA LYS A 74 -18.17 -25.39 -2.32
C LYS A 74 -19.10 -24.98 -1.19
N ASP A 75 -18.55 -24.87 0.01
CA ASP A 75 -19.36 -24.47 1.17
C ASP A 75 -19.37 -22.95 1.39
N ASN A 76 -18.90 -22.20 0.40
CA ASN A 76 -19.05 -20.76 0.41
C ASN A 76 -20.54 -20.46 0.48
N ALA A 77 -20.92 -19.55 1.38
CA ALA A 77 -22.32 -19.21 1.60
C ALA A 77 -22.97 -18.66 0.34
N LEU A 78 -22.24 -17.83 -0.39
CA LEU A 78 -22.76 -17.17 -1.59
C LEU A 78 -23.23 -18.15 -2.67
N ILE A 79 -22.54 -19.28 -2.80
CA ILE A 79 -22.80 -20.25 -3.87
C ILE A 79 -24.24 -20.77 -3.93
N ALA A 80 -24.83 -21.04 -2.76
CA ALA A 80 -26.20 -21.55 -2.70
C ALA A 80 -27.24 -20.59 -3.27
N MET A 81 -26.92 -19.29 -3.23
CA MET A 81 -27.88 -18.25 -3.58
C MET A 81 -27.66 -17.64 -4.96
N LEU A 82 -26.70 -18.15 -5.71
CA LEU A 82 -26.38 -17.57 -7.01
C LEU A 82 -27.38 -17.95 -8.09
N GLY A 83 -27.93 -19.16 -8.01
CA GLY A 83 -28.79 -19.66 -9.05
C GLY A 83 -28.08 -19.66 -10.38
N GLN A 84 -28.69 -19.06 -11.38
CA GLN A 84 -28.13 -19.02 -12.72
C GLN A 84 -27.27 -17.80 -12.91
N GLY A 85 -27.14 -16.98 -11.88
CA GLY A 85 -26.35 -15.78 -11.98
C GLY A 85 -27.05 -14.60 -11.36
N ARG A 86 -26.35 -13.90 -10.49
CA ARG A 86 -26.95 -12.79 -9.76
C ARG A 86 -26.18 -11.52 -10.03
N ARG A 87 -26.86 -10.39 -9.99
CA ARG A 87 -26.17 -9.12 -10.12
C ARG A 87 -25.35 -8.86 -8.87
N VAL A 88 -24.11 -8.45 -9.06
CA VAL A 88 -23.28 -8.07 -7.93
C VAL A 88 -22.60 -6.76 -8.20
N ILE A 89 -22.09 -6.17 -7.15
CA ILE A 89 -21.19 -5.04 -7.23
C ILE A 89 -19.91 -5.49 -6.57
N GLY A 90 -18.80 -5.39 -7.31
CA GLY A 90 -17.51 -5.72 -6.74
C GLY A 90 -16.78 -4.46 -6.36
N ALA A 91 -16.26 -4.43 -5.15
CA ALA A 91 -15.47 -3.27 -4.70
C ALA A 91 -13.98 -3.57 -4.81
N PHE A 92 -13.31 -2.79 -5.65
CA PHE A 92 -11.88 -2.97 -5.88
C PHE A 92 -11.09 -1.69 -5.66
N SER A 93 -9.95 -1.80 -5.00
CA SER A 93 -8.96 -0.74 -4.96
C SER A 93 -7.59 -1.32 -5.31
N SER A 94 -6.74 -0.51 -5.95
CA SER A 94 -5.37 -0.93 -6.21
C SER A 94 -4.58 -0.77 -4.93
N LYS A 95 -3.46 -1.49 -4.81
CA LYS A 95 -2.51 -1.22 -3.74
C LYS A 95 -1.97 0.19 -3.93
N GLY A 96 -1.93 0.96 -2.85
CA GLY A 96 -1.53 2.35 -2.95
C GLY A 96 -2.76 3.21 -3.11
N HIS A 97 -3.91 2.58 -3.41
CA HIS A 97 -5.19 3.26 -3.57
C HIS A 97 -5.18 4.35 -4.63
N ASP A 98 -4.45 4.17 -5.73
CA ASP A 98 -4.50 5.18 -6.77
C ASP A 98 -5.62 4.94 -7.77
N LEU A 99 -6.42 3.90 -7.52
CA LEU A 99 -7.54 3.57 -8.37
C LEU A 99 -8.61 2.84 -7.57
N PHE A 100 -9.85 3.32 -7.67
CA PHE A 100 -10.98 2.60 -7.12
C PHE A 100 -11.91 2.17 -8.24
N ALA A 101 -12.41 0.94 -8.15
CA ALA A 101 -13.37 0.45 -9.12
C ALA A 101 -14.58 -0.16 -8.44
N SER A 102 -15.76 0.23 -8.89
CA SER A 102 -16.99 -0.44 -8.50
C SER A 102 -17.43 -1.22 -9.71
N ILE A 103 -17.33 -2.54 -9.65
CA ILE A 103 -17.52 -3.38 -10.83
C ILE A 103 -18.91 -4.01 -10.84
N SER A 104 -19.68 -3.71 -11.88
CA SER A 104 -21.04 -4.20 -11.95
C SER A 104 -21.12 -5.39 -12.89
N GLY A 105 -21.76 -6.46 -12.45
CA GLY A 105 -21.91 -7.63 -13.29
C GLY A 105 -22.64 -8.80 -12.67
N SER A 106 -22.51 -9.94 -13.34
CA SER A 106 -23.27 -11.12 -12.99
C SER A 106 -22.34 -12.21 -12.45
N LEU A 107 -22.74 -12.85 -11.36
CA LEU A 107 -21.92 -13.83 -10.68
C LEU A 107 -22.62 -15.18 -10.56
N ARG A 108 -21.99 -16.23 -11.05
CA ARG A 108 -22.55 -17.57 -10.95
C ARG A 108 -21.43 -18.58 -10.82
N GLU A 109 -21.72 -19.73 -10.24
CA GLU A 109 -20.74 -20.80 -10.19
C GLU A 109 -20.60 -21.42 -11.58
N ASP A 110 -19.38 -21.46 -12.09
CA ASP A 110 -19.10 -22.17 -13.33
C ASP A 110 -17.87 -23.03 -13.08
N THR A 111 -18.03 -24.06 -12.26
CA THR A 111 -16.92 -24.94 -11.94
C THR A 111 -16.60 -25.84 -13.15
N ASP A 112 -16.05 -25.23 -14.19
CA ASP A 112 -15.69 -25.87 -15.45
C ASP A 112 -14.28 -26.44 -15.32
N PRO A 113 -14.12 -27.76 -15.56
CA PRO A 113 -12.80 -28.41 -15.51
C PRO A 113 -11.82 -27.78 -16.50
N ALA A 114 -12.32 -27.41 -17.68
CA ALA A 114 -11.47 -26.73 -18.66
C ALA A 114 -10.95 -25.42 -18.09
N MET A 115 -11.81 -24.72 -17.36
CA MET A 115 -11.45 -23.45 -16.75
C MET A 115 -10.50 -23.60 -15.57
N VAL A 116 -10.75 -24.60 -14.73
CA VAL A 116 -9.84 -24.94 -13.65
C VAL A 116 -8.44 -25.18 -14.19
N ASP A 117 -8.36 -25.86 -15.33
CA ASP A 117 -7.06 -26.16 -15.92
C ASP A 117 -6.35 -24.94 -16.49
N ARG A 118 -7.09 -24.04 -17.13
CA ARG A 118 -6.49 -22.84 -17.71
C ARG A 118 -5.96 -21.88 -16.64
N LEU A 119 -6.59 -21.92 -15.46
CA LEU A 119 -6.31 -20.94 -14.41
C LEU A 119 -5.49 -21.52 -13.26
N TRP A 120 -5.20 -22.81 -13.31
CA TRP A 120 -4.50 -23.46 -12.21
C TRP A 120 -3.06 -22.96 -12.09
N ASN A 121 -2.61 -22.77 -10.85
CA ASN A 121 -1.23 -22.38 -10.59
C ASN A 121 -0.79 -22.82 -9.18
N PRO A 122 0.51 -22.71 -8.87
CA PRO A 122 0.96 -23.11 -7.53
C PRO A 122 0.25 -22.41 -6.39
N TYR A 123 -0.06 -21.13 -6.54
CA TYR A 123 -0.75 -20.38 -5.49
C TYR A 123 -2.17 -20.92 -5.24
N VAL A 124 -2.91 -21.17 -6.31
CA VAL A 124 -4.24 -21.78 -6.21
C VAL A 124 -4.13 -23.17 -5.59
N ALA A 125 -3.08 -23.89 -5.97
CA ALA A 125 -2.88 -25.26 -5.50
C ALA A 125 -2.79 -25.38 -3.98
N ALA A 126 -2.11 -24.42 -3.37
CA ALA A 126 -1.93 -24.38 -1.92
C ALA A 126 -3.23 -24.53 -1.13
N TRP A 127 -4.32 -24.03 -1.70
CA TRP A 127 -5.58 -23.96 -0.97
C TRP A 127 -6.34 -25.26 -0.94
N TYR A 128 -6.12 -26.09 -1.95
CA TYR A 128 -6.87 -27.33 -2.06
C TYR A 128 -6.01 -28.53 -1.73
N GLU A 129 -6.40 -29.23 -0.66
CA GLU A 129 -5.73 -30.46 -0.27
C GLU A 129 -5.86 -31.50 -1.38
N GLY A 130 -7.04 -31.56 -1.98
CA GLY A 130 -7.32 -32.57 -2.98
C GLY A 130 -6.75 -32.33 -4.37
N GLY A 131 -6.02 -31.24 -4.54
CA GLY A 131 -5.57 -30.84 -5.85
C GLY A 131 -6.77 -30.40 -6.69
N LYS A 132 -6.65 -30.48 -8.01
CA LYS A 132 -7.76 -30.11 -8.89
C LYS A 132 -8.97 -30.99 -8.64
N THR A 133 -8.72 -32.23 -8.18
CA THR A 133 -9.78 -33.19 -7.94
C THR A 133 -10.60 -32.87 -6.70
N ASP A 134 -10.13 -31.90 -5.91
CA ASP A 134 -10.78 -31.58 -4.65
C ASP A 134 -12.30 -31.40 -4.80
N PRO A 135 -13.07 -32.23 -4.08
CA PRO A 135 -14.54 -32.18 -4.12
C PRO A 135 -15.07 -30.87 -3.56
N ASN A 136 -14.25 -30.19 -2.78
CA ASN A 136 -14.64 -28.94 -2.13
C ASN A 136 -14.34 -27.74 -3.02
N LEU A 137 -13.64 -27.97 -4.13
CA LEU A 137 -13.26 -26.89 -5.01
C LEU A 137 -14.45 -26.34 -5.79
N ALA A 138 -14.64 -25.03 -5.73
CA ALA A 138 -15.64 -24.36 -6.55
C ALA A 138 -15.00 -23.19 -7.29
N LEU A 139 -15.60 -22.81 -8.40
CA LEU A 139 -15.08 -21.70 -9.20
C LEU A 139 -16.25 -20.78 -9.56
N LEU A 140 -16.10 -19.49 -9.27
CA LEU A 140 -17.12 -18.51 -9.64
C LEU A 140 -16.61 -17.67 -10.79
N ARG A 141 -17.52 -17.29 -11.67
CA ARG A 141 -17.19 -16.31 -12.69
C ARG A 141 -18.04 -15.08 -12.53
N LEU A 142 -17.42 -13.94 -12.80
CA LEU A 142 -18.13 -12.69 -12.78
C LEU A 142 -18.07 -12.12 -14.18
N ASP A 143 -19.23 -12.02 -14.81
CA ASP A 143 -19.30 -11.38 -16.11
C ASP A 143 -19.63 -9.93 -15.89
N ALA A 144 -18.65 -9.08 -16.15
CA ALA A 144 -18.73 -7.67 -15.82
C ALA A 144 -19.12 -6.86 -17.04
N ASP A 145 -20.28 -6.22 -16.98
CA ASP A 145 -20.72 -5.44 -18.11
C ASP A 145 -20.16 -4.04 -18.02
N HIS A 146 -19.83 -3.61 -16.80
CA HIS A 146 -19.29 -2.27 -16.61
C HIS A 146 -18.73 -2.00 -15.22
N ALA A 147 -17.88 -0.99 -15.15
CA ALA A 147 -17.29 -0.56 -13.89
C ALA A 147 -17.26 0.96 -13.85
N GLN A 148 -17.54 1.51 -12.68
CA GLN A 148 -17.31 2.93 -12.47
C GLN A 148 -15.94 3.05 -11.85
N ILE A 149 -15.11 3.89 -12.46
CA ILE A 149 -13.72 4.00 -12.04
C ILE A 149 -13.37 5.39 -11.58
N TRP A 150 -12.74 5.47 -10.41
CA TRP A 150 -12.25 6.73 -9.88
C TRP A 150 -10.73 6.69 -9.84
N LEU A 151 -10.09 7.62 -10.54
CA LEU A 151 -8.63 7.76 -10.40
C LEU A 151 -8.33 8.55 -9.12
N ASN A 152 -7.26 8.15 -8.42
CA ASN A 152 -6.86 8.81 -7.19
C ASN A 152 -5.35 8.85 -7.12
N GLU A 153 -4.71 9.37 -8.14
CA GLU A 153 -3.27 9.25 -8.24
C GLU A 153 -2.52 10.25 -7.37
N SER A 154 -1.33 9.86 -6.92
CA SER A 154 -0.57 10.62 -5.95
C SER A 154 0.50 11.48 -6.61
N SER A 155 0.76 12.64 -6.02
CA SER A 155 1.89 13.45 -6.41
C SER A 155 2.70 13.80 -5.17
N LEU A 156 4.02 13.63 -5.27
CA LEU A 156 4.87 13.79 -4.10
C LEU A 156 5.12 15.25 -3.74
N LEU A 157 4.84 15.60 -2.49
CA LEU A 157 5.18 16.91 -1.96
C LEU A 157 6.69 17.01 -1.70
N ALA A 158 7.17 18.21 -1.37
CA ALA A 158 8.58 18.40 -1.07
C ALA A 158 8.95 17.80 0.29
N GLY A 159 10.14 17.22 0.39
CA GLY A 159 10.57 16.59 1.63
C GLY A 159 10.83 17.61 2.70
N ILE A 160 10.28 17.37 3.89
CA ILE A 160 10.48 18.29 5.00
C ILE A 160 11.32 17.61 6.06
N LYS A 161 12.29 18.33 6.61
CA LYS A 161 13.10 17.79 7.66
C LYS A 161 12.44 17.99 9.00
N VAL A 162 12.47 16.94 9.81
CA VAL A 162 11.68 16.84 11.02
C VAL A 162 12.55 16.27 12.12
N LEU A 163 12.56 16.92 13.28
CA LEU A 163 13.32 16.39 14.40
C LEU A 163 12.53 15.33 15.15
N LEU A 164 13.20 14.25 15.55
CA LEU A 164 12.54 13.13 16.20
C LEU A 164 12.83 13.07 17.70
N GLY A 165 11.80 12.75 18.49
CA GLY A 165 11.95 12.70 19.93
C GLY A 165 11.85 11.30 20.53
N THR B 24 -9.06 -9.98 20.58
CA THR B 24 -9.95 -9.23 19.70
C THR B 24 -9.75 -7.72 19.88
N LYS B 25 -9.00 -7.34 20.92
CA LYS B 25 -8.69 -5.93 21.15
C LYS B 25 -7.86 -5.37 20.00
N GLU B 26 -6.83 -6.12 19.62
CA GLU B 26 -5.89 -5.69 18.58
C GLU B 26 -6.56 -5.48 17.23
N LEU B 27 -7.42 -6.41 16.84
CA LEU B 27 -8.19 -6.30 15.61
C LEU B 27 -8.93 -4.99 15.49
N GLN B 28 -9.63 -4.62 16.56
CA GLN B 28 -10.34 -3.36 16.60
C GLN B 28 -9.36 -2.20 16.39
N GLU B 29 -8.22 -2.28 17.06
CA GLU B 29 -7.20 -1.22 16.98
C GLU B 29 -6.65 -1.04 15.57
N LYS B 30 -6.24 -2.14 14.95
CA LYS B 30 -5.70 -2.09 13.59
C LYS B 30 -6.71 -1.46 12.64
N PHE B 31 -7.96 -1.85 12.77
CA PHE B 31 -9.01 -1.34 11.90
C PHE B 31 -9.16 0.17 12.04
N TRP B 32 -9.30 0.64 13.28
CA TRP B 32 -9.49 2.07 13.53
C TRP B 32 -8.29 2.91 13.09
N LYS B 33 -7.07 2.42 13.34
CA LYS B 33 -5.86 3.12 12.89
C LYS B 33 -5.82 3.20 11.37
N ALA B 34 -6.11 2.10 10.71
CA ALA B 34 -6.12 2.05 9.26
C ALA B 34 -7.18 2.97 8.70
N LEU B 35 -8.39 2.90 9.28
CA LEU B 35 -9.48 3.75 8.84
C LEU B 35 -9.14 5.21 9.04
N LYS B 36 -8.52 5.53 10.17
CA LYS B 36 -8.18 6.91 10.47
C LYS B 36 -7.17 7.49 9.47
N SER B 37 -6.11 6.74 9.17
CA SER B 37 -5.08 7.25 8.26
C SER B 37 -5.41 7.11 6.77
N ASP B 38 -6.04 6.01 6.39
CA ASP B 38 -6.33 5.78 4.97
C ASP B 38 -7.70 6.33 4.55
N ARG B 39 -8.64 6.33 5.49
CA ARG B 39 -9.88 7.08 5.36
C ARG B 39 -10.92 6.50 4.41
N THR B 40 -10.53 6.26 3.16
CA THR B 40 -11.50 5.95 2.12
C THR B 40 -12.33 4.70 2.43
N VAL B 41 -13.63 4.83 2.21
CA VAL B 41 -14.58 3.73 2.33
C VAL B 41 -15.43 3.74 1.08
N MET B 42 -15.56 2.58 0.45
CA MET B 42 -16.44 2.46 -0.69
C MET B 42 -17.83 2.08 -0.20
N LEU B 43 -18.72 3.04 -0.33
CA LEU B 43 -20.04 2.95 0.27
C LEU B 43 -21.08 2.81 -0.82
N GLY B 44 -21.81 1.72 -0.80
CA GLY B 44 -22.84 1.47 -1.80
C GLY B 44 -24.19 1.20 -1.16
N LEU B 45 -25.24 1.77 -1.72
CA LEU B 45 -26.58 1.42 -1.26
C LEU B 45 -27.43 0.81 -2.36
N ASP B 46 -27.98 -0.36 -2.05
CA ASP B 46 -28.71 -1.23 -2.98
C ASP B 46 -29.61 -0.53 -4.01
N GLY B 47 -30.50 0.33 -3.53
CA GLY B 47 -31.49 0.95 -4.40
C GLY B 47 -31.05 2.29 -4.95
N VAL B 48 -29.82 2.67 -4.66
CA VAL B 48 -29.32 3.98 -5.07
C VAL B 48 -28.11 3.81 -5.98
N GLU B 49 -28.12 4.56 -7.09
CA GLU B 49 -26.98 4.64 -7.99
C GLU B 49 -26.54 3.27 -8.46
N ASP B 50 -27.51 2.37 -8.59
CA ASP B 50 -27.30 1.02 -9.07
C ASP B 50 -26.46 0.15 -8.14
N GLY B 51 -26.35 0.58 -6.88
CA GLY B 51 -25.63 -0.20 -5.88
C GLY B 51 -24.15 0.05 -5.92
N HIS B 52 -23.72 1.00 -6.74
CA HIS B 52 -22.30 1.27 -6.89
C HIS B 52 -21.66 1.73 -5.59
N ALA B 53 -20.51 1.15 -5.27
CA ALA B 53 -19.80 1.47 -4.03
C ALA B 53 -18.88 2.66 -4.26
N ARG B 54 -19.35 3.84 -3.86
CA ARG B 54 -18.62 5.07 -4.13
C ARG B 54 -17.56 5.30 -3.06
N PRO B 55 -16.35 5.66 -3.49
CA PRO B 55 -15.29 5.91 -2.52
C PRO B 55 -15.51 7.24 -1.83
N MET B 56 -15.67 7.23 -0.53
CA MET B 56 -15.77 8.48 0.20
C MET B 56 -14.81 8.49 1.37
N THR B 57 -14.28 9.66 1.66
CA THR B 57 -13.24 9.75 2.68
C THR B 57 -13.89 9.88 4.05
N ALA B 58 -13.64 8.89 4.89
CA ALA B 58 -14.24 8.81 6.21
C ALA B 58 -13.50 9.72 7.18
N GLN B 59 -14.19 10.10 8.26
CA GLN B 59 -13.55 10.83 9.35
C GLN B 59 -14.13 10.41 10.67
N ILE B 60 -13.27 10.29 11.67
CA ILE B 60 -13.75 10.07 13.03
C ILE B 60 -13.14 11.06 14.02
N GLU B 61 -13.78 11.19 15.17
CA GLU B 61 -13.29 12.02 16.25
C GLU B 61 -12.40 11.17 17.13
N GLY B 62 -11.20 11.64 17.39
CA GLY B 62 -10.27 10.87 18.18
C GLY B 62 -9.71 9.69 17.40
N ASP B 63 -8.95 8.84 18.09
CA ASP B 63 -8.22 7.76 17.44
C ASP B 63 -9.05 6.50 17.21
N SER B 64 -10.23 6.43 17.83
CA SER B 64 -11.04 5.22 17.72
C SER B 64 -12.54 5.48 17.91
N GLY B 65 -13.33 4.44 17.64
CA GLY B 65 -14.76 4.47 17.89
C GLY B 65 -15.55 5.22 16.85
N GLY B 66 -16.79 4.80 16.64
CA GLY B 66 -17.68 5.49 15.75
C GLY B 66 -18.29 6.68 16.45
N PRO B 67 -19.17 7.42 15.75
CA PRO B 67 -19.58 7.10 14.39
C PRO B 67 -18.56 7.52 13.35
N ILE B 68 -18.80 7.10 12.10
CA ILE B 68 -17.92 7.44 11.00
C ILE B 68 -18.59 8.53 10.17
N TRP B 69 -17.87 9.61 9.92
CA TRP B 69 -18.47 10.77 9.27
C TRP B 69 -18.02 10.99 7.83
N PHE B 70 -18.90 11.54 7.02
CA PHE B 70 -18.59 11.82 5.63
C PHE B 70 -19.12 13.18 5.22
N PHE B 71 -18.23 14.08 4.79
CA PHE B 71 -18.68 15.34 4.21
C PHE B 71 -19.30 15.10 2.84
N THR B 72 -20.41 15.77 2.56
CA THR B 72 -21.18 15.52 1.33
C THR B 72 -22.05 16.71 0.90
N SER B 73 -22.57 16.64 -0.32
CA SER B 73 -23.41 17.70 -0.89
C SER B 73 -24.90 17.36 -0.82
N LYS B 74 -25.71 18.30 -0.35
CA LYS B 74 -27.15 18.12 -0.18
C LYS B 74 -27.74 17.48 -1.43
N ASP B 75 -27.09 17.65 -2.57
CA ASP B 75 -27.63 17.10 -3.81
C ASP B 75 -27.31 15.61 -4.01
N ASN B 76 -26.40 15.06 -3.20
CA ASN B 76 -26.10 13.62 -3.23
C ASN B 76 -27.38 12.79 -3.28
N ALA B 77 -27.41 11.79 -4.15
CA ALA B 77 -28.62 11.03 -4.33
C ALA B 77 -28.90 10.15 -3.13
N LEU B 78 -27.84 9.67 -2.48
CA LEU B 78 -28.03 8.97 -1.22
C LEU B 78 -28.70 9.88 -0.18
N ILE B 79 -28.40 11.18 -0.22
CA ILE B 79 -29.04 12.14 0.67
C ILE B 79 -30.56 12.07 0.57
N ALA B 80 -31.07 11.88 -0.63
CA ALA B 80 -32.51 11.87 -0.81
C ALA B 80 -33.14 10.63 -0.18
N MET B 81 -32.42 9.52 -0.19
CA MET B 81 -33.02 8.23 0.15
C MET B 81 -32.64 7.57 1.47
N LEU B 82 -31.90 8.24 2.35
CA LEU B 82 -31.59 7.58 3.64
C LEU B 82 -32.67 7.73 4.70
N GLY B 83 -33.33 8.89 4.74
CA GLY B 83 -34.35 9.16 5.75
C GLY B 83 -33.85 8.99 7.16
N GLN B 84 -34.60 8.26 7.96
CA GLN B 84 -34.28 8.05 9.37
C GLN B 84 -33.01 7.24 9.55
N GLY B 85 -32.81 6.30 8.62
CA GLY B 85 -31.66 5.43 8.68
C GLY B 85 -31.77 4.36 7.61
N ARG B 86 -30.63 3.86 7.16
CA ARG B 86 -30.59 2.78 6.18
C ARG B 86 -29.44 1.85 6.50
N ARG B 87 -29.68 0.55 6.40
CA ARG B 87 -28.59 -0.41 6.58
C ARG B 87 -27.70 -0.37 5.36
N VAL B 88 -26.39 -0.33 5.59
CA VAL B 88 -25.42 -0.30 4.53
C VAL B 88 -24.21 -1.16 4.84
N ILE B 89 -23.48 -1.51 3.79
CA ILE B 89 -22.21 -2.19 3.92
C ILE B 89 -21.15 -1.27 3.31
N GLY B 90 -20.10 -0.95 4.07
CA GLY B 90 -19.00 -0.20 3.50
C GLY B 90 -17.80 -1.10 3.29
N ALA B 91 -17.20 -1.04 2.10
CA ALA B 91 -15.98 -1.81 1.83
C ALA B 91 -14.72 -1.00 2.07
N PHE B 92 -13.88 -1.48 2.98
CA PHE B 92 -12.63 -0.79 3.29
C PHE B 92 -11.39 -1.66 3.16
N SER B 93 -10.33 -1.08 2.61
CA SER B 93 -9.01 -1.70 2.63
C SER B 93 -7.97 -0.66 3.03
N SER B 94 -6.97 -1.08 3.81
CA SER B 94 -5.80 -0.23 4.07
C SER B 94 -5.05 -0.05 2.76
N LYS B 95 -4.38 1.09 2.60
CA LYS B 95 -3.67 1.38 1.35
C LYS B 95 -2.71 0.28 0.93
N GLY B 96 -2.04 -0.34 1.89
CA GLY B 96 -1.09 -1.40 1.61
C GLY B 96 -1.72 -2.77 1.38
N HIS B 97 -3.05 -2.83 1.54
CA HIS B 97 -3.82 -4.07 1.43
C HIS B 97 -3.44 -5.14 2.45
N ASP B 98 -3.14 -4.71 3.68
CA ASP B 98 -2.80 -5.66 4.72
C ASP B 98 -3.97 -5.88 5.67
N LEU B 99 -5.05 -5.14 5.43
CA LEU B 99 -6.30 -5.31 6.17
C LEU B 99 -7.47 -5.03 5.25
N PHE B 100 -8.52 -5.84 5.38
CA PHE B 100 -9.79 -5.57 4.69
C PHE B 100 -10.93 -5.60 5.70
N ALA B 101 -11.88 -4.68 5.54
CA ALA B 101 -13.00 -4.61 6.47
C ALA B 101 -14.30 -4.45 5.71
N SER B 102 -15.28 -5.26 6.08
CA SER B 102 -16.64 -5.04 5.61
C SER B 102 -17.40 -4.45 6.78
N ILE B 103 -17.84 -3.21 6.62
CA ILE B 103 -18.42 -2.46 7.73
C ILE B 103 -19.95 -2.39 7.64
N SER B 104 -20.63 -2.99 8.60
CA SER B 104 -22.10 -2.96 8.62
C SER B 104 -22.64 -1.92 9.59
N GLY B 105 -23.54 -1.08 9.11
CA GLY B 105 -24.13 -0.07 9.97
C GLY B 105 -25.27 0.70 9.35
N SER B 106 -25.73 1.69 10.09
CA SER B 106 -26.79 2.56 9.63
C SER B 106 -26.18 3.84 9.11
N LEU B 107 -26.63 4.29 7.94
CA LEU B 107 -26.17 5.55 7.38
C LEU B 107 -27.35 6.51 7.29
N ARG B 108 -27.14 7.75 7.71
CA ARG B 108 -28.18 8.78 7.65
C ARG B 108 -27.52 10.13 7.61
N GLU B 109 -28.24 11.14 7.11
CA GLU B 109 -27.70 12.50 7.16
C GLU B 109 -27.80 13.05 8.59
N ASP B 110 -26.75 13.73 9.02
CA ASP B 110 -26.74 14.41 10.30
C ASP B 110 -25.85 15.64 10.18
N THR B 111 -26.31 16.64 9.43
CA THR B 111 -25.53 17.85 9.25
C THR B 111 -25.58 18.70 10.53
N ASP B 112 -25.00 18.15 11.60
CA ASP B 112 -24.87 18.84 12.88
C ASP B 112 -23.72 19.83 12.79
N PRO B 113 -24.04 21.13 12.99
CA PRO B 113 -23.09 22.24 12.92
C PRO B 113 -21.95 22.13 13.93
N ALA B 114 -22.21 21.52 15.08
CA ALA B 114 -21.14 21.31 16.05
C ALA B 114 -20.15 20.31 15.48
N MET B 115 -20.70 19.27 14.88
CA MET B 115 -19.92 18.24 14.22
C MET B 115 -19.06 18.80 13.10
N VAL B 116 -19.66 19.66 12.28
CA VAL B 116 -18.93 20.33 11.20
C VAL B 116 -17.72 21.12 11.73
N ASP B 117 -17.91 21.78 12.87
CA ASP B 117 -16.81 22.51 13.52
C ASP B 117 -15.70 21.57 13.97
N ARG B 118 -16.07 20.46 14.60
CA ARG B 118 -15.09 19.49 15.10
C ARG B 118 -14.26 18.85 13.99
N LEU B 119 -14.89 18.64 12.85
CA LEU B 119 -14.29 17.87 11.76
C LEU B 119 -13.66 18.75 10.70
N TRP B 120 -13.88 20.05 10.80
CA TRP B 120 -13.38 20.95 9.77
C TRP B 120 -11.85 20.89 9.69
N ASN B 121 -11.33 21.08 8.48
CA ASN B 121 -9.90 21.20 8.23
C ASN B 121 -9.69 21.80 6.84
N PRO B 122 -8.46 22.24 6.53
CA PRO B 122 -8.19 22.82 5.21
C PRO B 122 -8.57 21.92 4.04
N TYR B 123 -8.43 20.60 4.18
CA TYR B 123 -8.77 19.67 3.10
C TYR B 123 -10.26 19.65 2.81
N VAL B 124 -11.04 19.42 3.87
CA VAL B 124 -12.48 19.50 3.78
C VAL B 124 -12.89 20.87 3.27
N ALA B 125 -12.21 21.90 3.77
CA ALA B 125 -12.50 23.29 3.43
C ALA B 125 -12.50 23.54 1.92
N ALA B 126 -11.56 22.93 1.22
CA ALA B 126 -11.40 23.15 -0.21
C ALA B 126 -12.66 22.80 -1.00
N TRP B 127 -13.39 21.79 -0.56
CA TRP B 127 -14.53 21.27 -1.30
C TRP B 127 -15.73 22.19 -1.33
N TYR B 128 -15.80 23.11 -0.39
CA TYR B 128 -16.95 23.97 -0.32
C TYR B 128 -16.59 25.41 -0.63
N GLU B 129 -17.16 25.92 -1.72
CA GLU B 129 -17.06 27.33 -2.07
C GLU B 129 -17.58 28.16 -0.91
N GLY B 130 -18.69 27.73 -0.30
CA GLY B 130 -19.29 28.46 0.79
C GLY B 130 -18.56 28.42 2.12
N GLY B 131 -17.65 27.48 2.27
CA GLY B 131 -17.05 27.21 3.57
C GLY B 131 -18.09 26.46 4.37
N LYS B 132 -17.99 26.51 5.70
CA LYS B 132 -18.93 25.80 6.57
C LYS B 132 -20.38 26.17 6.29
N THR B 133 -20.61 27.47 6.09
CA THR B 133 -21.97 27.99 5.90
C THR B 133 -22.62 27.53 4.59
N ASP B 134 -21.81 27.03 3.67
CA ASP B 134 -22.31 26.55 2.37
C ASP B 134 -23.62 25.77 2.53
N PRO B 135 -24.65 26.21 1.80
CA PRO B 135 -25.97 25.60 1.85
C PRO B 135 -25.95 24.19 1.29
N ASN B 136 -25.05 23.93 0.35
CA ASN B 136 -24.95 22.61 -0.28
C ASN B 136 -24.12 21.57 0.52
N LEU B 137 -23.49 22.01 1.61
CA LEU B 137 -22.77 21.10 2.51
C LEU B 137 -23.72 20.14 3.20
N ALA B 138 -23.42 18.85 3.15
CA ALA B 138 -24.13 17.89 3.97
C ALA B 138 -23.12 17.07 4.73
N LEU B 139 -23.59 16.36 5.74
CA LEU B 139 -22.74 15.48 6.52
C LEU B 139 -23.49 14.19 6.76
N LEU B 140 -22.86 13.07 6.44
CA LEU B 140 -23.43 11.75 6.67
C LEU B 140 -22.77 11.17 7.90
N ARG B 141 -23.53 10.39 8.66
CA ARG B 141 -22.92 9.59 9.71
C ARG B 141 -23.27 8.14 9.52
N LEU B 142 -22.27 7.30 9.70
CA LEU B 142 -22.46 5.86 9.66
C LEU B 142 -22.26 5.36 11.06
N ASP B 143 -23.31 4.77 11.62
CA ASP B 143 -23.18 4.15 12.93
C ASP B 143 -22.86 2.69 12.74
N ALA B 144 -21.60 2.36 12.94
CA ALA B 144 -21.11 1.01 12.70
C ALA B 144 -21.23 0.20 13.97
N ASP B 145 -22.02 -0.87 13.91
CA ASP B 145 -22.15 -1.77 15.05
C ASP B 145 -21.17 -2.92 14.97
N HIS B 146 -20.85 -3.33 13.74
CA HIS B 146 -19.87 -4.39 13.56
C HIS B 146 -19.22 -4.39 12.19
N ALA B 147 -18.06 -5.02 12.13
CA ALA B 147 -17.35 -5.20 10.88
C ALA B 147 -16.78 -6.60 10.82
N GLN B 148 -16.65 -7.13 9.60
CA GLN B 148 -15.90 -8.35 9.39
C GLN B 148 -14.53 -7.91 8.91
N ILE B 149 -13.48 -8.47 9.52
CA ILE B 149 -12.12 -7.98 9.28
C ILE B 149 -11.15 -9.07 8.90
N TRP B 150 -10.39 -8.81 7.84
CA TRP B 150 -9.39 -9.75 7.36
C TRP B 150 -7.99 -9.17 7.44
N LEU B 151 -7.13 -9.82 8.20
CA LEU B 151 -5.72 -9.46 8.25
C LEU B 151 -4.95 -10.21 7.19
N ASN B 152 -4.11 -9.50 6.47
CA ASN B 152 -3.16 -10.14 5.57
C ASN B 152 -1.82 -10.29 6.30
N GLU B 153 -1.38 -11.52 6.53
CA GLU B 153 -0.13 -11.76 7.24
C GLU B 153 1.01 -12.04 6.27
N SER B 154 2.14 -11.36 6.47
CA SER B 154 3.26 -11.46 5.54
C SER B 154 4.51 -12.04 6.19
N SER B 155 5.14 -12.98 5.49
CA SER B 155 6.37 -13.60 5.97
C SER B 155 7.56 -13.20 5.12
N LEU B 156 8.58 -12.64 5.77
CA LEU B 156 9.79 -12.20 5.08
C LEU B 156 10.63 -13.41 4.81
N LEU B 157 11.00 -13.62 3.54
CA LEU B 157 11.90 -14.72 3.20
C LEU B 157 13.34 -14.24 3.11
N ALA B 158 14.28 -15.18 3.20
CA ALA B 158 15.70 -14.87 3.10
C ALA B 158 16.00 -14.16 1.78
N GLY B 159 16.80 -13.11 1.86
CA GLY B 159 17.13 -12.34 0.67
C GLY B 159 18.20 -13.00 -0.17
N ILE B 160 18.00 -13.00 -1.48
CA ILE B 160 18.95 -13.58 -2.39
C ILE B 160 19.69 -12.51 -3.18
N LYS B 161 21.01 -12.64 -3.25
CA LYS B 161 21.79 -11.73 -4.09
C LYS B 161 21.62 -12.21 -5.51
N VAL B 162 21.24 -11.31 -6.40
CA VAL B 162 21.02 -11.67 -7.78
C VAL B 162 21.92 -10.76 -8.61
N LEU B 163 22.59 -11.31 -9.62
CA LEU B 163 23.33 -10.44 -10.53
C LEU B 163 22.26 -9.83 -11.43
N LEU B 164 22.51 -8.64 -11.95
CA LEU B 164 21.44 -7.88 -12.60
C LEU B 164 21.87 -7.43 -13.99
N ASP C 23 13.01 -20.24 -7.73
CA ASP C 23 13.98 -19.99 -8.78
C ASP C 23 14.54 -18.57 -8.71
N THR C 24 15.83 -18.44 -9.02
CA THR C 24 16.47 -17.14 -9.09
C THR C 24 15.87 -16.34 -10.25
N LYS C 25 15.27 -17.06 -11.21
CA LYS C 25 14.64 -16.43 -12.35
C LYS C 25 13.31 -15.77 -11.93
N GLU C 26 12.67 -16.36 -10.93
CA GLU C 26 11.41 -15.86 -10.43
C GLU C 26 11.62 -14.48 -9.83
N LEU C 27 12.66 -14.39 -8.99
CA LEU C 27 12.96 -13.18 -8.25
C LEU C 27 13.24 -11.97 -9.11
N GLN C 28 14.10 -12.16 -10.11
CA GLN C 28 14.43 -11.07 -11.02
C GLN C 28 13.17 -10.59 -11.71
N GLU C 29 12.32 -11.54 -12.09
CA GLU C 29 11.11 -11.22 -12.84
C GLU C 29 10.12 -10.41 -12.00
N LYS C 30 9.91 -10.86 -10.76
CA LYS C 30 9.06 -10.12 -9.84
C LYS C 30 9.60 -8.72 -9.53
N PHE C 31 10.90 -8.62 -9.32
CA PHE C 31 11.52 -7.34 -9.01
C PHE C 31 11.40 -6.33 -10.16
N TRP C 32 11.63 -6.79 -11.38
CA TRP C 32 11.52 -5.92 -12.53
C TRP C 32 10.09 -5.49 -12.73
N LYS C 33 9.15 -6.40 -12.45
CA LYS C 33 7.74 -6.10 -12.59
C LYS C 33 7.32 -5.06 -11.56
N ALA C 34 7.75 -5.26 -10.31
CA ALA C 34 7.43 -4.35 -9.24
C ALA C 34 7.99 -2.96 -9.51
N LEU C 35 9.24 -2.92 -9.96
CA LEU C 35 9.92 -1.67 -10.23
C LEU C 35 9.25 -0.93 -11.37
N LYS C 36 8.89 -1.67 -12.40
CA LYS C 36 8.17 -1.12 -13.55
C LYS C 36 6.86 -0.45 -13.15
N SER C 37 6.12 -1.06 -12.24
CA SER C 37 4.81 -0.53 -11.87
C SER C 37 4.81 0.40 -10.66
N ASP C 38 5.46 -0.03 -9.58
CA ASP C 38 5.65 0.78 -8.38
C ASP C 38 6.56 1.99 -8.57
N ARG C 39 7.66 1.80 -9.31
CA ARG C 39 8.57 2.87 -9.68
C ARG C 39 9.52 3.43 -8.61
N THR C 40 9.00 3.89 -7.48
CA THR C 40 9.77 4.72 -6.56
C THR C 40 10.98 4.00 -5.98
N VAL C 41 12.14 4.65 -6.06
CA VAL C 41 13.37 4.15 -5.44
C VAL C 41 13.94 5.28 -4.59
N MET C 42 14.23 5.00 -3.34
CA MET C 42 14.87 6.01 -2.51
C MET C 42 16.38 5.91 -2.63
N LEU C 43 16.97 6.92 -3.27
CA LEU C 43 18.39 6.88 -3.59
C LEU C 43 19.16 7.92 -2.80
N GLY C 44 20.18 7.47 -2.08
CA GLY C 44 21.01 8.35 -1.30
C GLY C 44 22.45 8.35 -1.77
N LEU C 45 23.17 9.42 -1.44
CA LEU C 45 24.58 9.55 -1.79
C LEU C 45 25.39 10.08 -0.61
N ASP C 46 26.43 9.33 -0.21
CA ASP C 46 27.33 9.79 0.85
C ASP C 46 27.95 11.15 0.56
N GLY C 47 27.91 12.05 1.53
CA GLY C 47 28.45 13.38 1.36
C GLY C 47 27.52 14.35 0.67
N VAL C 48 26.32 13.88 0.34
CA VAL C 48 25.30 14.75 -0.22
C VAL C 48 24.11 14.81 0.71
N GLU C 49 23.80 16.01 1.21
CA GLU C 49 22.56 16.23 1.96
C GLU C 49 22.47 15.24 3.11
N ASP C 50 23.61 15.01 3.76
CA ASP C 50 23.73 14.14 4.93
C ASP C 50 23.44 12.67 4.64
N GLY C 51 23.43 12.30 3.37
CA GLY C 51 23.26 10.91 2.98
C GLY C 51 21.82 10.46 2.90
N HIS C 52 20.89 11.40 3.09
CA HIS C 52 19.47 11.09 3.00
C HIS C 52 19.09 10.47 1.64
N ALA C 53 18.20 9.48 1.68
CA ALA C 53 17.74 8.79 0.48
C ALA C 53 16.43 9.38 -0.03
N ARG C 54 16.49 10.16 -1.11
CA ARG C 54 15.31 10.78 -1.68
C ARG C 54 14.54 9.85 -2.61
N PRO C 55 13.21 9.86 -2.51
CA PRO C 55 12.41 9.07 -3.44
C PRO C 55 12.47 9.66 -4.84
N MET C 56 12.76 8.80 -5.80
CA MET C 56 12.81 9.20 -7.20
C MET C 56 12.17 8.11 -8.00
N THR C 57 11.49 8.47 -9.08
CA THR C 57 10.71 7.48 -9.82
C THR C 57 11.53 6.87 -10.96
N ALA C 58 11.68 5.55 -10.90
CA ALA C 58 12.48 4.80 -11.86
C ALA C 58 11.73 4.57 -13.15
N GLN C 59 12.47 4.48 -14.26
CA GLN C 59 11.89 4.10 -15.54
C GLN C 59 12.83 3.15 -16.28
N ILE C 60 12.24 2.11 -16.87
CA ILE C 60 13.01 1.20 -17.70
C ILE C 60 12.32 1.02 -19.05
N GLU C 61 13.10 0.99 -20.11
CA GLU C 61 12.56 0.63 -21.40
C GLU C 61 12.17 -0.83 -21.30
N GLY C 62 10.96 -1.17 -21.71
CA GLY C 62 10.59 -2.56 -21.76
C GLY C 62 10.29 -3.17 -20.40
N ASP C 63 10.01 -4.47 -20.42
CA ASP C 63 9.46 -5.15 -19.26
C ASP C 63 10.47 -5.41 -18.16
N SER C 64 11.74 -5.59 -18.53
CA SER C 64 12.78 -5.92 -17.57
C SER C 64 14.18 -5.54 -18.03
N GLY C 65 15.09 -5.36 -17.08
CA GLY C 65 16.49 -5.11 -17.37
C GLY C 65 16.87 -3.65 -17.43
N GLY C 66 18.07 -3.33 -16.94
CA GLY C 66 18.55 -1.98 -16.90
C GLY C 66 18.93 -1.41 -18.25
N PRO C 67 19.45 -0.18 -18.28
CA PRO C 67 19.66 0.63 -17.08
C PRO C 67 18.37 1.22 -16.56
N ILE C 68 18.45 1.82 -15.39
CA ILE C 68 17.31 2.41 -14.73
C ILE C 68 17.45 3.91 -14.84
N TRP C 69 16.39 4.57 -15.32
CA TRP C 69 16.46 5.98 -15.63
C TRP C 69 15.70 6.82 -14.62
N PHE C 70 16.28 7.95 -14.25
CA PHE C 70 15.65 8.88 -13.33
C PHE C 70 15.68 10.28 -13.92
N PHE C 71 14.50 10.82 -14.22
CA PHE C 71 14.43 12.21 -14.60
C PHE C 71 14.70 13.06 -13.38
N THR C 72 15.48 14.12 -13.55
CA THR C 72 15.71 15.04 -12.44
C THR C 72 16.11 16.41 -12.95
N SER C 73 16.38 17.29 -12.00
CA SER C 73 16.74 18.66 -12.30
C SER C 73 18.26 18.83 -12.30
N LYS C 74 18.75 19.79 -13.09
CA LYS C 74 20.19 20.02 -13.23
C LYS C 74 20.81 20.50 -11.92
N ASP C 75 20.02 21.25 -11.18
CA ASP C 75 20.46 21.83 -9.92
C ASP C 75 20.48 20.83 -8.77
N ASN C 76 20.07 19.59 -9.03
CA ASN C 76 20.15 18.57 -8.01
C ASN C 76 21.60 18.52 -7.57
N ALA C 77 21.83 18.66 -6.27
CA ALA C 77 23.19 18.67 -5.72
C ALA C 77 23.81 17.31 -6.01
N LEU C 78 22.96 16.29 -5.95
CA LEU C 78 23.30 14.92 -6.31
C LEU C 78 24.00 14.87 -7.67
N ILE C 79 23.50 15.66 -8.62
CA ILE C 79 24.09 15.75 -9.95
C ILE C 79 25.51 16.28 -9.92
N ALA C 80 25.75 17.30 -9.10
CA ALA C 80 27.07 17.90 -8.96
C ALA C 80 28.16 16.89 -8.59
N MET C 81 27.80 15.89 -7.80
CA MET C 81 28.77 15.01 -7.16
C MET C 81 29.00 13.68 -7.86
N LEU C 82 28.43 13.49 -9.04
CA LEU C 82 28.44 12.19 -9.70
C LEU C 82 29.74 11.88 -10.43
N GLY C 83 30.38 12.92 -10.97
CA GLY C 83 31.57 12.72 -11.77
C GLY C 83 31.29 11.77 -12.91
N GLN C 84 32.25 10.91 -13.20
CA GLN C 84 32.11 9.94 -14.28
C GLN C 84 31.12 8.84 -13.94
N GLY C 85 30.60 8.87 -12.72
CA GLY C 85 29.75 7.81 -12.25
C GLY C 85 30.11 7.46 -10.84
N ARG C 86 29.13 7.02 -10.06
CA ARG C 86 29.34 6.79 -8.65
C ARG C 86 28.63 5.52 -8.22
N ARG C 87 29.18 4.85 -7.20
CA ARG C 87 28.51 3.72 -6.60
C ARG C 87 27.34 4.20 -5.75
N VAL C 88 26.14 3.66 -6.01
CA VAL C 88 24.98 4.01 -5.21
C VAL C 88 24.21 2.78 -4.76
N ILE C 89 23.55 2.90 -3.62
CA ILE C 89 22.62 1.88 -3.17
C ILE C 89 21.20 2.42 -3.21
N GLY C 90 20.33 1.75 -3.96
CA GLY C 90 18.94 2.16 -4.04
C GLY C 90 18.04 1.23 -3.24
N ALA C 91 17.22 1.83 -2.39
CA ALA C 91 16.27 1.07 -1.60
C ALA C 91 14.90 1.07 -2.28
N PHE C 92 14.38 -0.13 -2.56
CA PHE C 92 13.07 -0.28 -3.19
C PHE C 92 12.15 -1.17 -2.37
N SER C 93 10.87 -0.83 -2.36
CA SER C 93 9.84 -1.74 -1.87
C SER C 93 8.66 -1.67 -2.80
N SER C 94 7.94 -2.78 -2.95
CA SER C 94 6.71 -2.76 -3.73
C SER C 94 5.55 -2.25 -2.88
N LYS C 95 4.58 -1.60 -3.53
CA LYS C 95 3.35 -1.25 -2.84
C LYS C 95 2.74 -2.48 -2.22
N GLY C 96 2.45 -2.40 -0.92
CA GLY C 96 1.96 -3.55 -0.18
C GLY C 96 3.10 -4.26 0.52
N HIS C 97 4.32 -3.87 0.16
CA HIS C 97 5.53 -4.42 0.77
C HIS C 97 5.66 -5.94 0.66
N ASP C 98 5.32 -6.48 -0.51
CA ASP C 98 5.54 -7.92 -0.70
C ASP C 98 6.89 -8.22 -1.32
N LEU C 99 7.61 -7.17 -1.71
CA LEU C 99 8.98 -7.32 -2.21
C LEU C 99 9.85 -6.15 -1.74
N PHE C 100 11.05 -6.49 -1.27
CA PHE C 100 12.06 -5.48 -0.95
C PHE C 100 13.29 -5.76 -1.78
N ALA C 101 13.88 -4.71 -2.34
CA ALA C 101 15.09 -4.84 -3.12
C ALA C 101 16.09 -3.76 -2.74
N SER C 102 17.34 -4.17 -2.51
CA SER C 102 18.42 -3.23 -2.33
C SER C 102 19.25 -3.31 -3.60
N ILE C 103 19.37 -2.18 -4.31
CA ILE C 103 19.94 -2.18 -5.65
C ILE C 103 21.31 -1.53 -5.68
N SER C 104 22.32 -2.31 -6.03
CA SER C 104 23.68 -1.80 -6.12
C SER C 104 24.03 -1.51 -7.57
N GLY C 105 24.51 -0.30 -7.85
CA GLY C 105 24.90 0.06 -9.20
C GLY C 105 25.61 1.38 -9.31
N SER C 106 26.04 1.70 -10.52
CA SER C 106 26.74 2.94 -10.79
C SER C 106 25.75 4.00 -11.27
N LEU C 107 25.82 5.19 -10.69
CA LEU C 107 24.89 6.25 -11.05
C LEU C 107 25.63 7.39 -11.70
N ARG C 108 25.18 7.80 -12.88
CA ARG C 108 25.74 8.96 -13.55
C ARG C 108 24.67 9.64 -14.39
N GLU C 109 24.91 10.91 -14.71
CA GLU C 109 24.04 11.63 -15.61
C GLU C 109 24.24 11.16 -17.04
N ASP C 110 23.15 10.96 -17.75
CA ASP C 110 23.22 10.65 -19.17
C ASP C 110 22.01 11.27 -19.85
N THR C 111 22.02 12.60 -19.96
CA THR C 111 20.92 13.31 -20.60
C THR C 111 20.99 13.19 -22.12
N ASP C 112 20.72 11.98 -22.61
CA ASP C 112 20.68 11.64 -24.02
C ASP C 112 19.31 12.00 -24.60
N PRO C 113 19.28 12.95 -25.53
CA PRO C 113 18.04 13.44 -26.13
C PRO C 113 17.19 12.30 -26.67
N ALA C 114 17.81 11.32 -27.31
CA ALA C 114 17.09 10.15 -27.80
C ALA C 114 16.44 9.38 -26.67
N MET C 115 17.12 9.32 -25.53
CA MET C 115 16.60 8.63 -24.35
C MET C 115 15.46 9.40 -23.71
N VAL C 116 15.55 10.73 -23.70
CA VAL C 116 14.48 11.55 -23.18
C VAL C 116 13.17 11.27 -23.91
N ASP C 117 13.26 11.12 -25.24
CA ASP C 117 12.10 10.85 -26.06
C ASP C 117 11.50 9.48 -25.76
N ARG C 118 12.38 8.51 -25.53
CA ARG C 118 11.92 7.14 -25.29
C ARG C 118 11.20 7.00 -23.97
N LEU C 119 11.52 7.89 -23.02
CA LEU C 119 11.00 7.79 -21.67
C LEU C 119 9.94 8.85 -21.39
N TRP C 120 9.79 9.79 -22.30
CA TRP C 120 8.89 10.94 -22.09
C TRP C 120 7.43 10.51 -21.98
N ASN C 121 6.71 11.21 -21.13
CA ASN C 121 5.26 11.01 -20.98
C ASN C 121 4.64 12.21 -20.27
N PRO C 122 3.30 12.31 -20.26
CA PRO C 122 2.66 13.48 -19.65
C PRO C 122 3.04 13.69 -18.19
N TYR C 123 3.21 12.62 -17.42
CA TYR C 123 3.59 12.72 -16.02
C TYR C 123 4.99 13.31 -15.87
N VAL C 124 5.92 12.81 -16.68
CA VAL C 124 7.25 13.39 -16.74
C VAL C 124 7.14 14.84 -17.19
N ALA C 125 6.37 15.07 -18.24
CA ALA C 125 6.22 16.39 -18.82
C ALA C 125 5.75 17.46 -17.83
N ALA C 126 4.89 17.06 -16.90
CA ALA C 126 4.30 17.99 -15.95
C ALA C 126 5.32 18.72 -15.08
N TRP C 127 6.49 18.10 -14.87
CA TRP C 127 7.49 18.62 -13.94
C TRP C 127 8.39 19.69 -14.52
N TYR C 128 8.36 19.83 -15.85
CA TYR C 128 9.25 20.77 -16.51
C TYR C 128 8.49 21.90 -17.18
N GLU C 129 8.98 23.12 -16.96
CA GLU C 129 8.40 24.31 -17.57
C GLU C 129 8.51 24.21 -19.09
N GLY C 130 9.74 24.02 -19.57
CA GLY C 130 9.97 23.95 -21.00
C GLY C 130 9.70 22.60 -21.65
N GLY C 131 9.29 21.62 -20.86
CA GLY C 131 9.17 20.26 -21.36
C GLY C 131 10.55 19.71 -21.69
N LYS C 132 10.68 19.04 -22.83
CA LYS C 132 11.97 18.51 -23.28
C LYS C 132 12.99 19.62 -23.49
N THR C 133 12.48 20.83 -23.69
CA THR C 133 13.31 21.99 -24.00
C THR C 133 13.98 22.61 -22.76
N ASP C 134 13.46 22.24 -21.59
CA ASP C 134 13.92 22.78 -20.32
C ASP C 134 15.43 22.59 -20.11
N PRO C 135 16.15 23.67 -19.81
CA PRO C 135 17.59 23.58 -19.55
C PRO C 135 17.88 22.93 -18.20
N ASN C 136 16.91 22.96 -17.30
CA ASN C 136 17.03 22.32 -16.00
C ASN C 136 16.77 20.82 -16.04
N LEU C 137 16.41 20.30 -17.21
CA LEU C 137 16.13 18.88 -17.36
C LEU C 137 17.41 18.08 -17.33
N ALA C 138 17.44 17.07 -16.48
CA ALA C 138 18.55 16.13 -16.45
C ALA C 138 18.04 14.70 -16.36
N LEU C 139 18.88 13.77 -16.80
CA LEU C 139 18.49 12.37 -16.83
C LEU C 139 19.61 11.54 -16.24
N LEU C 140 19.29 10.72 -15.25
CA LEU C 140 20.28 9.86 -14.61
C LEU C 140 20.06 8.41 -14.97
N ARG C 141 21.16 7.69 -15.15
CA ARG C 141 21.08 6.27 -15.41
C ARG C 141 21.75 5.50 -14.30
N LEU C 142 21.08 4.45 -13.89
CA LEU C 142 21.61 3.54 -12.89
C LEU C 142 21.87 2.22 -13.59
N ASP C 143 23.15 1.92 -13.79
CA ASP C 143 23.53 0.60 -14.28
C ASP C 143 23.78 -0.30 -13.07
N ALA C 144 22.89 -1.26 -12.88
CA ALA C 144 22.85 -2.08 -11.67
C ALA C 144 23.52 -3.43 -11.88
N ASP C 145 24.56 -3.73 -11.13
CA ASP C 145 25.20 -5.02 -11.31
C ASP C 145 24.45 -6.07 -10.51
N HIS C 146 24.04 -5.71 -9.29
CA HIS C 146 23.33 -6.66 -8.47
C HIS C 146 22.36 -6.04 -7.48
N ALA C 147 21.36 -6.83 -7.11
CA ALA C 147 20.41 -6.45 -6.09
C ALA C 147 20.27 -7.55 -5.07
N GLN C 148 19.96 -7.17 -3.85
CA GLN C 148 19.50 -8.14 -2.86
C GLN C 148 17.99 -8.05 -2.78
N ILE C 149 17.33 -9.19 -2.91
CA ILE C 149 15.88 -9.21 -3.04
C ILE C 149 15.20 -10.07 -1.98
N TRP C 150 14.25 -9.46 -1.27
CA TRP C 150 13.51 -10.15 -0.23
C TRP C 150 12.05 -10.26 -0.62
N LEU C 151 11.54 -11.49 -0.68
CA LEU C 151 10.11 -11.69 -0.86
C LEU C 151 9.42 -11.60 0.50
N ASN C 152 8.27 -10.93 0.52
CA ASN C 152 7.50 -10.76 1.74
C ASN C 152 6.01 -10.92 1.41
N GLU C 153 5.66 -12.06 0.83
CA GLU C 153 4.29 -12.27 0.37
C GLU C 153 3.33 -12.47 1.54
N SER C 154 2.06 -12.18 1.29
CA SER C 154 1.05 -12.22 2.33
C SER C 154 -0.01 -13.30 2.09
N SER C 155 -0.41 -13.97 3.16
CA SER C 155 -1.53 -14.90 3.11
C SER C 155 -2.69 -14.37 3.96
N LEU C 156 -3.89 -14.37 3.39
CA LEU C 156 -5.05 -13.80 4.07
C LEU C 156 -5.58 -14.70 5.17
N LEU C 157 -5.71 -14.15 6.38
CA LEU C 157 -6.24 -14.91 7.51
C LEU C 157 -7.75 -15.02 7.42
N ALA C 158 -8.32 -16.00 8.12
CA ALA C 158 -9.76 -16.11 8.20
C ALA C 158 -10.32 -14.83 8.84
N GLY C 159 -11.50 -14.42 8.39
CA GLY C 159 -12.08 -13.18 8.89
C GLY C 159 -12.80 -13.37 10.20
N ILE C 160 -12.56 -12.44 11.13
CA ILE C 160 -13.29 -12.40 12.39
C ILE C 160 -14.32 -11.28 12.37
N LYS C 161 -15.47 -11.49 13.03
CA LYS C 161 -16.46 -10.43 13.20
C LYS C 161 -16.27 -9.73 14.54
N VAL C 162 -16.20 -8.40 14.52
CA VAL C 162 -15.99 -7.63 15.74
C VAL C 162 -17.19 -6.76 16.09
N LEU C 163 -17.49 -6.65 17.38
CA LEU C 163 -18.46 -5.66 17.83
C LEU C 163 -17.80 -4.30 17.64
N LEU C 164 -18.59 -3.26 17.44
CA LEU C 164 -18.05 -1.96 17.07
C LEU C 164 -18.89 -0.83 17.65
N THR D 24 3.97 20.47 10.92
CA THR D 24 5.24 19.84 11.28
C THR D 24 5.04 18.85 12.43
N LYS D 25 4.11 19.17 13.33
CA LYS D 25 3.72 18.22 14.36
C LYS D 25 2.98 17.09 13.67
N GLU D 26 2.16 17.46 12.70
CA GLU D 26 1.36 16.51 11.94
C GLU D 26 2.25 15.50 11.23
N LEU D 27 3.33 16.01 10.62
CA LEU D 27 4.30 15.16 9.94
C LEU D 27 4.91 14.11 10.84
N GLN D 28 5.26 14.50 12.06
CA GLN D 28 5.81 13.58 13.04
C GLN D 28 4.81 12.51 13.39
N GLU D 29 3.56 12.93 13.62
CA GLU D 29 2.49 12.01 13.95
C GLU D 29 2.28 10.98 12.84
N LYS D 30 2.19 11.46 11.60
CA LYS D 30 2.04 10.59 10.44
C LYS D 30 3.17 9.56 10.37
N PHE D 31 4.40 10.07 10.49
CA PHE D 31 5.59 9.22 10.42
C PHE D 31 5.57 8.14 11.50
N TRP D 32 5.41 8.55 12.75
CA TRP D 32 5.38 7.60 13.87
C TRP D 32 4.22 6.62 13.78
N LYS D 33 3.08 7.06 13.25
CA LYS D 33 1.96 6.17 13.00
C LYS D 33 2.34 5.13 11.95
N ALA D 34 2.86 5.59 10.82
CA ALA D 34 3.27 4.70 9.74
C ALA D 34 4.35 3.72 10.20
N LEU D 35 5.32 4.23 10.92
CA LEU D 35 6.40 3.40 11.43
C LEU D 35 5.85 2.31 12.35
N LYS D 36 4.96 2.68 13.25
CA LYS D 36 4.41 1.74 14.21
C LYS D 36 3.62 0.61 13.54
N SER D 37 2.83 0.94 12.53
CA SER D 37 2.01 -0.06 11.86
C SER D 37 2.80 -0.83 10.81
N ASP D 38 3.68 -0.15 10.07
CA ASP D 38 4.37 -0.79 8.96
C ASP D 38 5.74 -1.39 9.31
N ARG D 39 6.44 -0.80 10.26
CA ARG D 39 7.62 -1.41 10.88
C ARG D 39 8.91 -1.54 10.07
N THR D 40 8.82 -2.03 8.84
CA THR D 40 10.04 -2.31 8.08
C THR D 40 10.83 -1.04 7.76
N VAL D 41 12.10 -1.02 8.16
CA VAL D 41 13.06 -0.01 7.73
C VAL D 41 14.21 -0.70 7.02
N MET D 42 14.55 -0.23 5.83
CA MET D 42 15.69 -0.78 5.12
C MET D 42 16.94 -0.03 5.54
N LEU D 43 17.77 -0.73 6.32
CA LEU D 43 18.91 -0.12 6.97
C LEU D 43 20.22 -0.59 6.39
N GLY D 44 21.10 0.35 6.07
CA GLY D 44 22.41 0.02 5.55
C GLY D 44 23.54 0.71 6.29
N LEU D 45 24.72 0.11 6.26
CA LEU D 45 25.92 0.71 6.82
C LEU D 45 27.06 0.60 5.82
N ASP D 46 27.67 1.74 5.53
CA ASP D 46 28.82 1.78 4.63
C ASP D 46 29.98 1.00 5.22
N GLY D 47 30.61 0.18 4.39
CA GLY D 47 31.67 -0.70 4.86
C GLY D 47 31.13 -2.05 5.28
N VAL D 48 29.82 -2.24 5.22
CA VAL D 48 29.21 -3.52 5.56
C VAL D 48 28.25 -4.01 4.48
N GLU D 49 28.41 -5.27 4.07
CA GLU D 49 27.55 -5.89 3.08
C GLU D 49 27.48 -5.06 1.81
N ASP D 50 28.59 -4.40 1.48
CA ASP D 50 28.67 -3.53 0.31
C ASP D 50 27.65 -2.39 0.36
N GLY D 51 27.26 -2.03 1.58
CA GLY D 51 26.34 -0.92 1.78
C GLY D 51 24.89 -1.26 1.53
N HIS D 52 24.60 -2.53 1.26
CA HIS D 52 23.23 -2.95 1.02
C HIS D 52 22.33 -2.64 2.22
N ALA D 53 21.13 -2.14 1.92
CA ALA D 53 20.17 -1.80 2.97
C ALA D 53 19.23 -2.96 3.22
N ARG D 54 19.43 -3.65 4.33
CA ARG D 54 18.60 -4.80 4.67
C ARG D 54 17.32 -4.38 5.37
N PRO D 55 16.19 -4.94 4.93
CA PRO D 55 14.90 -4.65 5.55
C PRO D 55 14.85 -5.21 6.96
N MET D 56 14.61 -4.35 7.93
CA MET D 56 14.51 -4.79 9.31
C MET D 56 13.26 -4.20 9.94
N THR D 57 12.64 -4.95 10.83
CA THR D 57 11.38 -4.50 11.39
C THR D 57 11.63 -3.70 12.66
N ALA D 58 11.25 -2.43 12.59
CA ALA D 58 11.42 -1.47 13.66
C ALA D 58 10.42 -1.70 14.77
N GLN D 59 10.85 -1.50 16.01
CA GLN D 59 9.93 -1.54 17.14
C GLN D 59 10.13 -0.35 18.04
N ILE D 60 9.03 0.22 18.52
CA ILE D 60 9.11 1.28 19.51
C ILE D 60 8.22 0.96 20.70
N GLU D 61 8.61 1.48 21.86
CA GLU D 61 7.76 1.44 23.04
C GLU D 61 6.77 2.58 22.93
N GLY D 62 5.48 2.27 23.07
CA GLY D 62 4.48 3.30 22.92
C GLY D 62 4.25 3.60 21.46
N ASP D 63 3.53 4.68 21.18
CA ASP D 63 3.10 4.97 19.83
C ASP D 63 3.94 6.06 19.15
N SER D 64 4.84 6.70 19.88
CA SER D 64 5.71 7.73 19.29
C SER D 64 7.02 7.91 20.05
N GLY D 65 8.04 8.41 19.36
CA GLY D 65 9.31 8.69 19.99
C GLY D 65 10.27 7.52 19.93
N GLY D 66 11.54 7.84 19.69
CA GLY D 66 12.60 6.85 19.69
C GLY D 66 12.92 6.43 21.10
N PRO D 67 13.93 5.57 21.26
CA PRO D 67 14.70 5.03 20.15
C PRO D 67 13.94 3.95 19.40
N ILE D 68 14.51 3.53 18.29
CA ILE D 68 13.90 2.56 17.43
C ILE D 68 14.71 1.28 17.53
N TRP D 69 14.04 0.18 17.89
CA TRP D 69 14.72 -1.06 18.19
C TRP D 69 14.62 -2.08 17.05
N PHE D 70 15.68 -2.85 16.87
CA PHE D 70 15.68 -3.93 15.89
C PHE D 70 16.22 -5.19 16.54
N PHE D 71 15.44 -6.26 16.49
CA PHE D 71 15.92 -7.55 16.91
C PHE D 71 16.78 -8.11 15.79
N THR D 72 17.93 -8.67 16.15
CA THR D 72 18.79 -9.29 15.15
C THR D 72 19.64 -10.40 15.73
N SER D 73 20.66 -10.77 14.98
CA SER D 73 21.53 -11.89 15.34
C SER D 73 22.87 -11.37 15.86
N LYS D 74 23.43 -12.04 16.87
CA LYS D 74 24.76 -11.71 17.39
C LYS D 74 25.80 -11.81 16.26
N ASP D 75 25.58 -12.77 15.37
CA ASP D 75 26.50 -12.98 14.26
C ASP D 75 26.26 -12.04 13.07
N ASN D 76 25.32 -11.11 13.22
CA ASN D 76 25.08 -10.14 12.17
C ASN D 76 26.33 -9.33 11.94
N ALA D 77 26.80 -9.31 10.70
CA ALA D 77 28.03 -8.62 10.33
C ALA D 77 28.00 -7.16 10.75
N LEU D 78 26.80 -6.60 10.84
CA LEU D 78 26.59 -5.21 11.22
C LEU D 78 27.10 -4.93 12.62
N ILE D 79 26.91 -5.90 13.50
CA ILE D 79 27.26 -5.77 14.91
C ILE D 79 28.76 -5.61 15.13
N ALA D 80 29.54 -6.36 14.34
CA ALA D 80 30.98 -6.30 14.41
C ALA D 80 31.53 -4.90 14.12
N MET D 81 30.75 -4.12 13.38
CA MET D 81 31.22 -2.83 12.86
C MET D 81 30.62 -1.62 13.54
N LEU D 82 29.64 -1.84 14.42
CA LEU D 82 28.91 -0.73 15.04
C LEU D 82 29.70 -0.02 16.12
N GLY D 83 30.62 -0.76 16.77
CA GLY D 83 31.44 -0.19 17.82
C GLY D 83 30.58 0.47 18.89
N GLN D 84 30.94 1.69 19.25
CA GLN D 84 30.17 2.45 20.23
C GLN D 84 28.95 3.10 19.58
N GLY D 85 28.87 3.03 18.26
CA GLY D 85 27.76 3.65 17.53
C GLY D 85 28.18 4.20 16.19
N ARG D 86 27.26 4.20 15.24
CA ARG D 86 27.53 4.70 13.90
C ARG D 86 26.34 5.50 13.36
N ARG D 87 26.62 6.55 12.58
CA ARG D 87 25.54 7.28 11.93
C ARG D 87 25.02 6.44 10.77
N VAL D 88 23.70 6.25 10.71
CA VAL D 88 23.11 5.45 9.65
C VAL D 88 21.93 6.18 9.02
N ILE D 89 21.59 5.78 7.80
CA ILE D 89 20.37 6.26 7.15
C ILE D 89 19.45 5.07 6.87
N GLY D 90 18.21 5.17 7.34
CA GLY D 90 17.22 4.15 7.09
C GLY D 90 16.17 4.62 6.11
N ALA D 91 15.96 3.84 5.06
CA ALA D 91 14.94 4.14 4.08
C ALA D 91 13.60 3.56 4.55
N PHE D 92 12.58 4.42 4.61
CA PHE D 92 11.25 3.98 5.05
C PHE D 92 10.12 4.44 4.12
N SER D 93 9.20 3.54 3.83
CA SER D 93 7.95 3.91 3.18
C SER D 93 6.82 3.25 3.92
N SER D 94 5.65 3.88 3.90
CA SER D 94 4.43 3.21 4.34
C SER D 94 4.05 2.18 3.29
N LYS D 95 3.33 1.14 3.70
CA LYS D 95 2.95 0.06 2.80
C LYS D 95 2.19 0.51 1.56
N GLY D 96 1.43 1.60 1.68
CA GLY D 96 0.62 2.07 0.58
C GLY D 96 1.37 3.11 -0.21
N HIS D 97 2.62 3.33 0.18
CA HIS D 97 3.48 4.34 -0.45
C HIS D 97 2.90 5.74 -0.47
N ASP D 98 2.27 6.15 0.63
CA ASP D 98 1.81 7.53 0.73
C ASP D 98 2.75 8.37 1.59
N LEU D 99 3.75 7.71 2.18
CA LEU D 99 4.75 8.40 2.99
C LEU D 99 6.13 7.78 2.80
N PHE D 100 7.12 8.64 2.56
CA PHE D 100 8.51 8.22 2.46
C PHE D 100 9.36 8.98 3.47
N ALA D 101 10.20 8.26 4.19
CA ALA D 101 11.02 8.86 5.24
C ALA D 101 12.46 8.37 5.15
N SER D 102 13.40 9.31 5.12
CA SER D 102 14.81 8.98 5.25
C SER D 102 15.20 9.31 6.69
N ILE D 103 15.50 8.29 7.47
CA ILE D 103 15.76 8.46 8.91
C ILE D 103 17.25 8.55 9.21
N SER D 104 17.66 9.62 9.87
CA SER D 104 19.06 9.80 10.27
C SER D 104 19.23 9.61 11.77
N GLY D 105 20.17 8.78 12.17
CA GLY D 105 20.41 8.52 13.58
C GLY D 105 21.67 7.71 13.85
N SER D 106 21.92 7.45 15.12
CA SER D 106 23.06 6.64 15.50
C SER D 106 22.61 5.23 15.83
N LEU D 107 23.35 4.24 15.35
CA LEU D 107 22.98 2.86 15.53
C LEU D 107 24.04 2.11 16.31
N ARG D 108 23.62 1.43 17.38
CA ARG D 108 24.52 0.63 18.18
C ARG D 108 23.78 -0.57 18.75
N GLU D 109 24.52 -1.62 19.10
CA GLU D 109 23.93 -2.74 19.81
C GLU D 109 23.67 -2.37 21.27
N ASP D 110 22.48 -2.73 21.76
CA ASP D 110 22.14 -2.53 23.16
C ASP D 110 21.25 -3.68 23.59
N THR D 111 21.81 -4.88 23.66
CA THR D 111 21.04 -6.06 24.04
C THR D 111 20.73 -6.02 25.54
N ASP D 112 19.88 -5.07 25.93
CA ASP D 112 19.41 -4.91 27.30
C ASP D 112 18.31 -5.93 27.56
N PRO D 113 18.51 -6.79 28.58
CA PRO D 113 17.57 -7.86 28.94
C PRO D 113 16.18 -7.33 29.21
N ALA D 114 16.07 -6.23 29.93
CA ALA D 114 14.78 -5.61 30.20
C ALA D 114 14.08 -5.25 28.90
N MET D 115 14.86 -4.70 27.97
CA MET D 115 14.34 -4.31 26.66
C MET D 115 13.82 -5.49 25.85
N VAL D 116 14.48 -6.64 25.97
CA VAL D 116 14.01 -7.83 25.28
C VAL D 116 12.63 -8.21 25.78
N ASP D 117 12.42 -8.20 27.10
CA ASP D 117 11.11 -8.50 27.66
C ASP D 117 10.08 -7.50 27.21
N ARG D 118 10.48 -6.23 27.17
CA ARG D 118 9.55 -5.14 26.85
C ARG D 118 9.05 -5.18 25.42
N LEU D 119 9.91 -5.62 24.50
CA LEU D 119 9.57 -5.62 23.08
C LEU D 119 9.26 -7.01 22.55
N TRP D 120 9.47 -8.03 23.38
CA TRP D 120 9.23 -9.41 22.96
C TRP D 120 7.78 -9.62 22.58
N ASN D 121 7.57 -10.41 21.52
CA ASN D 121 6.23 -10.78 21.08
C ASN D 121 6.26 -12.02 20.18
N PRO D 122 5.10 -12.66 19.96
CA PRO D 122 4.99 -13.84 19.10
C PRO D 122 5.73 -13.75 17.78
N TYR D 123 5.77 -12.57 17.19
CA TYR D 123 6.43 -12.38 15.91
C TYR D 123 7.95 -12.33 16.05
N VAL D 124 8.42 -11.65 17.09
CA VAL D 124 9.83 -11.74 17.47
C VAL D 124 10.14 -13.19 17.79
N ALA D 125 9.24 -13.86 18.50
CA ALA D 125 9.46 -15.22 18.95
C ALA D 125 9.68 -16.23 17.83
N ALA D 126 9.23 -15.91 16.63
CA ALA D 126 9.32 -16.84 15.50
C ALA D 126 10.76 -17.05 15.02
N TRP D 127 11.65 -16.15 15.39
CA TRP D 127 13.00 -16.15 14.81
C TRP D 127 14.06 -16.83 15.66
N TYR D 128 13.74 -17.10 16.91
CA TYR D 128 14.74 -17.61 17.83
C TYR D 128 14.46 -19.03 18.29
N GLU D 129 15.31 -19.95 17.85
CA GLU D 129 15.24 -21.35 18.26
C GLU D 129 15.35 -21.49 19.77
N GLY D 130 16.04 -20.55 20.40
CA GLY D 130 16.25 -20.59 21.84
C GLY D 130 15.46 -19.57 22.60
N GLY D 131 14.66 -18.78 21.89
CA GLY D 131 13.76 -17.84 22.53
C GLY D 131 14.43 -16.57 23.03
N LYS D 132 13.87 -15.99 24.09
CA LYS D 132 14.40 -14.77 24.70
C LYS D 132 15.82 -14.95 25.20
N THR D 133 16.14 -16.17 25.62
CA THR D 133 17.42 -16.47 26.23
C THR D 133 18.38 -17.10 25.23
N ASP D 134 17.96 -17.15 23.97
CA ASP D 134 18.82 -17.57 22.87
C ASP D 134 20.11 -16.74 22.93
N PRO D 135 21.26 -17.42 23.00
CA PRO D 135 22.56 -16.75 23.14
C PRO D 135 22.91 -15.94 21.89
N ASN D 136 22.29 -16.31 20.77
CA ASN D 136 22.55 -15.66 19.48
C ASN D 136 21.65 -14.44 19.26
N LEU D 137 20.90 -14.07 20.29
CA LEU D 137 19.99 -12.93 20.18
C LEU D 137 20.69 -11.60 20.44
N ALA D 138 20.39 -10.62 19.58
CA ALA D 138 21.00 -9.30 19.69
C ALA D 138 19.99 -8.22 19.39
N LEU D 139 20.12 -7.09 20.08
CA LEU D 139 19.18 -5.99 19.94
C LEU D 139 19.91 -4.73 19.52
N LEU D 140 19.41 -4.06 18.48
CA LEU D 140 20.00 -2.81 18.02
C LEU D 140 19.07 -1.66 18.39
N ARG D 141 19.66 -0.51 18.69
CA ARG D 141 18.87 0.69 18.87
C ARG D 141 19.31 1.76 17.90
N LEU D 142 18.34 2.39 17.26
CA LEU D 142 18.58 3.53 16.43
C LEU D 142 18.14 4.77 17.19
N ASP D 143 19.09 5.67 17.44
CA ASP D 143 18.74 6.94 18.06
C ASP D 143 18.61 7.98 16.98
N ALA D 144 17.37 8.16 16.52
CA ALA D 144 17.09 9.06 15.41
C ALA D 144 16.84 10.47 15.93
N ASP D 145 17.63 11.41 15.43
CA ASP D 145 17.44 12.80 15.81
C ASP D 145 16.51 13.49 14.82
N HIS D 146 16.59 13.10 13.55
CA HIS D 146 15.73 13.68 12.54
C HIS D 146 15.49 12.77 11.35
N ALA D 147 14.48 13.13 10.55
CA ALA D 147 14.12 12.40 9.35
C ALA D 147 13.70 13.38 8.27
N GLN D 148 14.00 13.06 7.01
CA GLN D 148 13.45 13.84 5.93
C GLN D 148 12.23 13.10 5.42
N ILE D 149 11.10 13.80 5.34
CA ILE D 149 9.82 13.14 5.11
C ILE D 149 9.12 13.65 3.87
N TRP D 150 8.70 12.73 3.01
CA TRP D 150 7.93 13.05 1.81
C TRP D 150 6.52 12.50 1.92
N LEU D 151 5.52 13.34 1.70
CA LEU D 151 4.14 12.89 1.67
C LEU D 151 3.68 12.78 0.22
N ASN D 152 2.96 11.72 -0.08
CA ASN D 152 2.32 11.56 -1.38
C ASN D 152 0.92 12.12 -1.26
N GLU D 153 0.61 13.19 -2.00
CA GLU D 153 -0.74 13.75 -1.99
C GLU D 153 -1.60 13.15 -3.10
N SER D 154 -2.69 12.49 -2.72
CA SER D 154 -3.58 11.88 -3.72
C SER D 154 -4.74 12.80 -4.08
N SER D 155 -5.05 12.86 -5.36
CA SER D 155 -6.17 13.65 -5.85
C SER D 155 -7.22 12.72 -6.47
N LEU D 156 -8.44 12.72 -5.90
CA LEU D 156 -9.51 11.82 -6.32
C LEU D 156 -10.36 12.43 -7.43
N LEU D 157 -10.30 11.85 -8.63
CA LEU D 157 -11.11 12.34 -9.75
C LEU D 157 -12.56 11.86 -9.69
N ALA D 158 -13.43 12.50 -10.48
CA ALA D 158 -14.82 12.12 -10.57
C ALA D 158 -14.96 10.76 -11.25
N GLY D 159 -15.81 9.90 -10.69
CA GLY D 159 -15.98 8.56 -11.21
C GLY D 159 -16.57 8.51 -12.60
N ILE D 160 -16.03 7.61 -13.41
CA ILE D 160 -16.51 7.43 -14.78
C ILE D 160 -16.91 5.98 -15.03
N LYS D 161 -18.09 5.78 -15.63
CA LYS D 161 -18.53 4.44 -15.99
C LYS D 161 -17.90 4.01 -17.32
N VAL D 162 -17.42 2.77 -17.35
CA VAL D 162 -16.83 2.21 -18.57
C VAL D 162 -17.49 0.89 -18.93
N LEU D 163 -17.54 0.59 -20.23
CA LEU D 163 -18.20 -0.61 -20.72
C LEU D 163 -17.54 -1.89 -20.22
N LEU D 164 -16.23 -2.00 -20.39
CA LEU D 164 -15.50 -3.18 -19.97
C LEU D 164 -15.52 -4.26 -21.05
C1 PGE E . -9.59 -4.86 -2.77
O1 PGE E . -9.54 -4.18 -3.97
C2 PGE E . -10.27 -4.16 -1.65
O2 PGE E . -10.61 -2.84 -1.90
C3 PGE E . -11.94 -2.53 -1.90
C4 PGE E . -12.37 -1.64 -0.80
O4 PGE E . -10.81 1.58 1.27
C6 PGE E . -11.48 1.57 0.07
C5 PGE E . -11.20 0.43 -0.84
O3 PGE E . -11.38 -0.83 -0.30
C1 PGE F . 9.88 2.55 -2.52
O1 PGE F . 10.71 1.78 -3.31
C2 PGE F . 10.49 3.10 -1.30
O2 PGE F . 11.49 2.35 -0.75
C3 PGE F . 11.21 1.47 0.27
C4 PGE F . 11.89 1.72 1.57
O4 PGE F . 10.08 0.64 5.04
C6 PGE F . 10.16 -0.34 4.07
C5 PGE F . 10.57 0.13 2.72
O3 PGE F . 11.17 1.36 2.68
#